data_6W9E
#
_entry.id   6W9E
#
_cell.length_a   173.340
_cell.length_b   173.340
_cell.length_c   97.368
_cell.angle_alpha   90.00
_cell.angle_beta   90.00
_cell.angle_gamma   120.00
#
_symmetry.space_group_name_H-M   'H 3'
#
loop_
_entity.id
_entity.type
_entity.pdbx_description
1 polymer 'Cyclin-dependent kinase 9'
2 polymer Cyclin-T1
3 non-polymer (4-amino-2-{[(1S,2S,4R)-bicyclo[2.2.1]heptan-2-yl]amino}-1,3-thiazol-5-yl)(2-nitrophenyl)methanone
4 non-polymer (4-amino-2-{[(1R,2R,4S)-bicyclo[2.2.1]heptan-2-yl]amino}-1,3-thiazol-5-yl)(2-nitrophenyl)methanone
5 non-polymer 'PHOSPHATE ION'
6 water water
#
loop_
_entity_poly.entity_id
_entity_poly.type
_entity_poly.pdbx_seq_one_letter_code
_entity_poly.pdbx_strand_id
1 'polypeptide(L)'
;MAKQYDSVECPFCDEVSKYEKLAKIGQGTFGEVFKARHRKTGQKVALKKVLMENEKEGFPITALREIKILQLLKHENVVN
LIEICRTKASPYNRCKGSIYLVFDFCEHDLAGLLSNVLVKFTLSEIKRVMQMLLNGLYYIHRNKILHRDMKAANVLITRD
GVLKLADFGLARAFSLAKNSQPNRY(TPO)NRVVTLWYRPPELLLGERDYGPPIDLWGAGCIMAEMWTRSPIMQGNTEQH
QLALISQLCGSITPEVWPNVDNYELYEKLELVKGQKRKVKDRLKAYVRDPYALDLIDKLLVLDPAQRID(SEP)DDALNH
DFFWSDPMPSDLKGMLST
;
A
2 'polypeptide(L)'
;MEGERKNNNKRWYFTREQLENSPSRRFGVDPDKELSYRQQAANLLQDMGQRLNVSQLTINTAIVYMHRFYMIQSFTRFPG
NSVAPAALFLAAKVEGQPKKLEHVIKVAHTCLHPQESLPDTRSEAYLQQVQDLVILESIILQTLGFELTIDHPHTHVVKC
TQLVRASKDLAQTSYFMATNSLHLTTFSLQYTPPVVACVCIHLACKWSNWEIPVSTDGKHWWEYVDATVTLELLDELTHE
LLQILEKTPNRLKRIWNWR
;
B
#
# COMPACT_ATOMS: atom_id res chain seq x y z
N SER A 7 1.05 25.68 16.02
CA SER A 7 0.35 26.64 15.09
C SER A 7 -0.82 25.94 14.42
N VAL A 8 -0.50 24.92 13.60
CA VAL A 8 -1.47 24.11 12.84
C VAL A 8 -1.85 22.90 13.70
N GLU A 9 -3.15 22.60 13.83
CA GLU A 9 -3.59 21.43 14.63
C GLU A 9 -3.17 20.10 13.98
N CYS A 10 -2.60 19.18 14.77
CA CYS A 10 -1.94 18.02 14.18
C CYS A 10 -1.91 16.81 15.10
N PRO A 11 -3.10 16.33 15.47
CA PRO A 11 -3.22 15.31 16.48
C PRO A 11 -2.73 13.93 16.09
N PHE A 12 -2.58 13.60 14.80
CA PHE A 12 -2.24 12.22 14.43
C PHE A 12 -0.88 12.05 13.81
N CYS A 13 0.01 13.01 14.05
CA CYS A 13 1.38 12.91 13.57
C CYS A 13 2.29 13.61 14.55
N ASP A 14 2.78 12.85 15.51
CA ASP A 14 3.67 13.34 16.57
C ASP A 14 5.06 13.73 16.02
N GLU A 15 5.75 14.61 16.74
CA GLU A 15 7.05 15.11 16.28
C GLU A 15 8.09 14.06 16.64
N VAL A 16 9.03 13.80 15.72
CA VAL A 16 10.02 12.74 15.91
C VAL A 16 10.94 12.98 17.10
N SER A 17 11.02 14.22 17.55
CA SER A 17 11.75 14.54 18.76
C SER A 17 11.25 13.80 20.01
N LYS A 18 10.12 13.10 19.96
CA LYS A 18 9.75 12.17 21.05
C LYS A 18 10.77 11.06 21.20
N TYR A 19 11.48 10.74 20.12
CA TYR A 19 12.58 9.79 20.12
C TYR A 19 13.90 10.54 20.24
N GLU A 20 14.85 9.90 20.89
CA GLU A 20 16.20 10.41 21.13
C GLU A 20 17.00 9.62 20.13
N LYS A 21 17.68 10.27 19.18
CA LYS A 21 18.53 9.51 18.23
C LYS A 21 19.69 8.92 19.01
N LEU A 22 20.31 7.90 18.44
CA LEU A 22 21.39 7.15 19.14
C LEU A 22 22.55 6.69 18.26
N ALA A 23 22.32 6.36 17.00
CA ALA A 23 23.34 5.71 16.21
C ALA A 23 22.82 5.63 14.80
N LYS A 24 23.67 5.88 13.82
CA LYS A 24 23.30 5.62 12.42
C LYS A 24 23.44 4.10 12.17
N ILE A 25 22.37 3.34 12.40
CA ILE A 25 22.42 1.86 12.38
C ILE A 25 22.74 1.20 11.07
N GLY A 26 22.35 1.82 9.97
CA GLY A 26 22.90 1.44 8.68
C GLY A 26 24.42 1.34 8.62
N GLN A 27 25.10 2.13 9.47
CA GLN A 27 26.52 2.48 9.34
C GLN A 27 26.89 2.65 7.86
N GLY A 28 26.08 3.47 7.18
CA GLY A 28 26.11 3.65 5.73
C GLY A 28 25.09 2.82 4.98
N THR A 29 25.07 1.50 5.24
CA THR A 29 24.51 0.49 4.31
C THR A 29 22.97 0.39 4.21
N PHE A 30 22.22 1.17 5.01
CA PHE A 30 20.76 1.20 4.88
C PHE A 30 20.22 2.56 4.42
N GLY A 31 21.10 3.53 4.22
CA GLY A 31 20.69 4.91 4.02
C GLY A 31 20.63 5.60 5.37
N GLU A 32 20.00 6.78 5.40
CA GLU A 32 19.83 7.56 6.63
C GLU A 32 18.78 6.93 7.56
N VAL A 33 19.25 5.93 8.31
CA VAL A 33 18.45 5.10 9.20
C VAL A 33 19.10 5.02 10.59
N PHE A 34 18.39 5.45 11.64
CA PHE A 34 18.95 5.61 12.97
C PHE A 34 18.35 4.67 13.99
N LYS A 35 19.16 4.20 14.95
CA LYS A 35 18.60 3.63 16.20
C LYS A 35 18.10 4.81 17.02
N ALA A 36 17.14 4.55 17.91
CA ALA A 36 16.58 5.61 18.72
C ALA A 36 15.71 5.08 19.85
N ARG A 37 15.55 5.92 20.86
CA ARG A 37 14.98 5.53 22.14
C ARG A 37 13.86 6.47 22.47
N HIS A 38 12.71 5.90 22.76
CA HIS A 38 11.56 6.70 23.11
C HIS A 38 11.84 7.32 24.48
N ARG A 39 11.93 8.65 24.51
CA ARG A 39 12.26 9.42 25.71
C ARG A 39 11.57 9.07 27.01
N LYS A 40 10.36 8.53 26.98
CA LYS A 40 9.66 8.18 28.24
C LYS A 40 9.73 6.72 28.69
N THR A 41 9.78 5.80 27.72
CA THR A 41 9.48 4.38 27.92
C THR A 41 10.70 3.50 27.78
N GLY A 42 11.68 4.04 27.07
CA GLY A 42 12.89 3.35 26.82
C GLY A 42 12.83 2.62 25.51
N GLN A 43 11.63 2.39 25.00
CA GLN A 43 11.44 1.60 23.78
C GLN A 43 12.42 1.98 22.66
N LYS A 44 13.07 0.97 22.10
CA LYS A 44 14.02 1.20 21.03
C LYS A 44 13.27 1.11 19.69
N VAL A 45 13.65 1.96 18.74
CA VAL A 45 13.00 2.03 17.41
C VAL A 45 14.01 2.31 16.30
N ALA A 46 13.60 2.07 15.06
CA ALA A 46 14.37 2.50 13.89
C ALA A 46 13.68 3.67 13.22
N LEU A 47 14.45 4.70 12.90
CA LEU A 47 13.97 5.87 12.25
C LEU A 47 14.54 5.92 10.85
N LYS A 48 13.68 5.98 9.85
CA LYS A 48 14.07 6.27 8.49
C LYS A 48 13.56 7.64 8.12
N LYS A 49 14.46 8.50 7.67
CA LYS A 49 14.10 9.80 7.09
C LYS A 49 13.61 9.50 5.67
N VAL A 50 12.53 10.15 5.25
CA VAL A 50 12.06 10.03 3.88
C VAL A 50 12.97 10.96 3.07
N LEU A 51 13.89 10.37 2.32
CA LEU A 51 14.77 11.15 1.44
C LEU A 51 13.96 12.07 0.52
N MET A 52 14.30 13.36 0.55
CA MET A 52 13.64 14.38 -0.27
C MET A 52 14.55 15.08 -1.31
N GLU A 53 15.76 14.57 -1.54
CA GLU A 53 16.70 15.12 -2.53
C GLU A 53 16.22 14.76 -3.93
N ASN A 54 16.22 15.75 -4.83
CA ASN A 54 15.66 15.61 -6.20
C ASN A 54 14.19 15.12 -6.25
N GLU A 55 13.38 15.61 -5.29
CA GLU A 55 11.95 15.34 -5.26
C GLU A 55 11.17 16.61 -5.62
N LYS A 56 10.81 16.66 -6.90
CA LYS A 56 10.19 17.79 -7.57
C LYS A 56 8.66 17.68 -7.54
N GLU A 57 8.14 16.50 -7.21
CA GLU A 57 6.72 16.18 -7.35
C GLU A 57 6.07 15.96 -6.00
N GLY A 58 6.42 16.83 -5.05
CA GLY A 58 5.87 16.76 -3.73
C GLY A 58 6.31 15.52 -3.01
N PHE A 59 5.55 15.15 -1.98
CA PHE A 59 5.81 13.95 -1.16
C PHE A 59 5.96 12.68 -2.01
N PRO A 60 7.10 11.97 -1.85
CA PRO A 60 7.45 11.03 -2.92
C PRO A 60 6.46 9.92 -3.03
N ILE A 61 6.19 9.53 -4.26
CA ILE A 61 5.21 8.51 -4.53
C ILE A 61 5.69 7.17 -3.97
N THR A 62 7.00 6.92 -4.05
CA THR A 62 7.57 5.64 -3.61
C THR A 62 7.47 5.53 -2.12
N ALA A 63 7.56 6.68 -1.45
CA ALA A 63 7.33 6.75 0.00
C ALA A 63 5.89 6.42 0.32
N LEU A 64 4.96 7.10 -0.34
CA LEU A 64 3.53 6.78 -0.19
C LEU A 64 3.23 5.29 -0.35
N ARG A 65 3.85 4.66 -1.35
CA ARG A 65 3.63 3.27 -1.67
C ARG A 65 4.06 2.35 -0.53
N GLU A 66 5.29 2.54 -0.08
CA GLU A 66 5.86 1.81 1.06
C GLU A 66 4.99 1.95 2.30
N ILE A 67 4.57 3.18 2.59
CA ILE A 67 3.75 3.44 3.74
C ILE A 67 2.41 2.72 3.59
N LYS A 68 1.83 2.71 2.39
CA LYS A 68 0.54 2.02 2.19
C LYS A 68 0.71 0.57 2.53
N ILE A 69 1.79 -0.02 2.02
CA ILE A 69 2.12 -1.45 2.16
C ILE A 69 2.37 -1.86 3.62
N LEU A 70 3.27 -1.13 4.28
CA LEU A 70 3.57 -1.35 5.70
C LEU A 70 2.36 -1.32 6.61
N GLN A 71 1.43 -0.42 6.32
CA GLN A 71 0.22 -0.27 7.11
C GLN A 71 -0.70 -1.46 6.91
N LEU A 72 -0.67 -2.02 5.71
CA LEU A 72 -1.43 -3.21 5.40
C LEU A 72 -0.80 -4.44 6.06
N LEU A 73 0.50 -4.64 5.87
CA LEU A 73 1.19 -5.83 6.34
C LEU A 73 1.44 -5.82 7.88
N LYS A 74 0.61 -6.60 8.57
CA LYS A 74 0.61 -6.72 10.03
C LYS A 74 0.63 -8.19 10.46
N HIS A 75 1.80 -8.63 10.92
CA HIS A 75 2.13 -10.03 11.03
C HIS A 75 3.43 -10.24 11.79
N GLU A 76 3.45 -11.26 12.65
CA GLU A 76 4.57 -11.63 13.54
C GLU A 76 5.97 -11.72 12.89
N ASN A 77 5.99 -11.93 11.59
CA ASN A 77 7.21 -12.10 10.83
C ASN A 77 7.46 -11.01 9.80
N VAL A 78 6.66 -9.94 9.85
CA VAL A 78 6.91 -8.72 9.08
C VAL A 78 7.19 -7.56 10.03
N VAL A 79 8.12 -6.71 9.61
CA VAL A 79 8.55 -5.58 10.41
C VAL A 79 7.35 -4.72 10.73
N ASN A 80 7.35 -4.10 11.90
CA ASN A 80 6.23 -3.27 12.33
C ASN A 80 6.47 -1.78 12.22
N LEU A 81 5.74 -1.14 11.32
CA LEU A 81 5.72 0.31 11.27
C LEU A 81 4.85 0.79 12.42
N ILE A 82 5.44 1.56 13.32
CA ILE A 82 4.74 2.01 14.53
C ILE A 82 3.84 3.20 14.22
N GLU A 83 4.42 4.14 13.49
CA GLU A 83 3.83 5.43 13.21
C GLU A 83 4.72 6.17 12.20
N ILE A 84 4.23 7.33 11.79
CA ILE A 84 5.00 8.22 10.96
C ILE A 84 5.07 9.54 11.68
N CYS A 85 6.27 10.13 11.66
CA CYS A 85 6.60 11.30 12.45
C CYS A 85 7.06 12.46 11.60
N ARG A 86 6.78 13.67 12.09
CA ARG A 86 7.20 14.90 11.43
C ARG A 86 8.30 15.53 12.25
N THR A 87 8.75 16.71 11.84
CA THR A 87 9.63 17.54 12.64
C THR A 87 9.34 19.03 12.35
N LYS A 88 9.02 19.82 13.39
CA LYS A 88 8.41 21.17 13.21
C LYS A 88 9.23 22.19 12.36
N ALA A 89 8.60 22.74 11.31
CA ALA A 89 9.27 23.54 10.25
C ALA A 89 9.55 25.01 10.58
N SER A 90 10.30 25.69 9.69
CA SER A 90 10.45 27.16 9.69
C SER A 90 11.11 27.63 8.39
N LYS A 96 11.43 23.12 4.55
CA LYS A 96 12.16 23.33 5.79
C LYS A 96 11.69 22.35 6.90
N GLY A 97 11.45 21.10 6.53
CA GLY A 97 10.92 20.08 7.46
C GLY A 97 10.89 18.68 6.84
N SER A 98 10.82 17.64 7.67
CA SER A 98 11.04 16.24 7.22
C SER A 98 10.07 15.24 7.84
N ILE A 99 10.07 14.04 7.27
CA ILE A 99 9.18 12.93 7.68
C ILE A 99 9.93 11.63 7.94
N TYR A 100 9.68 11.03 9.11
CA TYR A 100 10.31 9.78 9.51
C TYR A 100 9.31 8.63 9.62
N LEU A 101 9.64 7.50 8.99
CA LEU A 101 9.01 6.20 9.27
C LEU A 101 9.57 5.67 10.58
N VAL A 102 8.73 5.15 11.47
CA VAL A 102 9.19 4.72 12.79
C VAL A 102 8.92 3.24 12.98
N PHE A 103 9.93 2.42 12.80
CA PHE A 103 9.80 0.96 13.02
C PHE A 103 10.14 0.52 14.44
N ASP A 104 9.66 -0.66 14.85
CA ASP A 104 10.13 -1.31 16.07
C ASP A 104 11.54 -1.78 15.84
N PHE A 105 12.40 -1.58 16.83
CA PHE A 105 13.81 -1.92 16.67
C PHE A 105 14.03 -3.42 16.88
N CYS A 106 14.69 -4.04 15.90
CA CYS A 106 15.12 -5.42 15.95
C CYS A 106 16.61 -5.44 16.13
N GLU A 107 17.10 -6.36 16.94
CA GLU A 107 18.46 -6.27 17.50
C GLU A 107 19.48 -6.89 16.58
N HIS A 108 19.08 -7.90 15.80
CA HIS A 108 19.98 -8.63 14.91
C HIS A 108 19.43 -8.68 13.51
N ASP A 109 20.32 -8.79 12.54
CA ASP A 109 19.91 -9.23 11.23
C ASP A 109 20.77 -10.39 10.75
N LEU A 110 20.17 -11.19 9.88
CA LEU A 110 20.69 -12.48 9.43
C LEU A 110 21.99 -12.39 8.67
N ALA A 111 22.24 -11.25 8.03
CA ALA A 111 23.53 -11.01 7.39
C ALA A 111 24.62 -10.99 8.45
N GLY A 112 24.48 -10.08 9.41
CA GLY A 112 25.45 -9.89 10.49
C GLY A 112 25.60 -11.06 11.45
N LEU A 113 24.55 -11.89 11.54
CA LEU A 113 24.60 -13.16 12.29
C LEU A 113 25.39 -14.24 11.55
N LEU A 114 25.17 -14.36 10.24
CA LEU A 114 25.96 -15.29 9.44
C LEU A 114 27.45 -14.85 9.40
N SER A 115 27.71 -13.56 9.13
CA SER A 115 29.06 -12.94 9.24
C SER A 115 29.84 -13.27 10.51
N ASN A 116 29.16 -13.21 11.66
CA ASN A 116 29.83 -13.41 12.96
C ASN A 116 30.16 -14.89 13.20
N VAL A 117 31.46 -15.14 13.40
CA VAL A 117 31.99 -16.51 13.57
C VAL A 117 31.67 -17.15 14.92
N LEU A 118 31.61 -16.35 15.98
CA LEU A 118 31.18 -16.81 17.31
C LEU A 118 29.70 -17.30 17.35
N VAL A 119 28.88 -16.89 16.37
CA VAL A 119 27.48 -17.32 16.30
C VAL A 119 27.44 -18.66 15.61
N LYS A 120 26.76 -19.65 16.22
CA LYS A 120 26.63 -21.01 15.65
C LYS A 120 25.17 -21.47 15.52
N PHE A 121 24.84 -22.03 14.35
CA PHE A 121 23.47 -22.45 14.05
C PHE A 121 23.30 -23.97 14.08
N THR A 122 22.50 -24.44 15.06
CA THR A 122 22.09 -25.87 15.11
C THR A 122 21.03 -26.10 14.04
N LEU A 123 20.85 -27.35 13.64
CA LEU A 123 19.92 -27.64 12.54
C LEU A 123 18.49 -27.18 12.87
N SER A 124 18.02 -27.56 14.06
CA SER A 124 16.66 -27.25 14.51
C SER A 124 16.35 -25.74 14.55
N GLU A 125 17.37 -24.95 14.84
CA GLU A 125 17.29 -23.49 14.73
C GLU A 125 17.12 -23.08 13.26
N ILE A 126 18.00 -23.56 12.39
CA ILE A 126 17.98 -23.20 10.96
C ILE A 126 16.63 -23.52 10.36
N LYS A 127 15.99 -24.57 10.85
CA LYS A 127 14.65 -24.92 10.40
C LYS A 127 13.67 -23.83 10.79
N ARG A 128 13.80 -23.32 12.02
CA ARG A 128 12.88 -22.29 12.54
C ARG A 128 13.03 -21.00 11.79
N VAL A 129 14.27 -20.53 11.66
CA VAL A 129 14.59 -19.39 10.82
C VAL A 129 13.89 -19.46 9.45
N MET A 130 14.09 -20.56 8.73
CA MET A 130 13.41 -20.73 7.43
C MET A 130 11.91 -20.82 7.56
N GLN A 131 11.45 -21.52 8.59
CA GLN A 131 10.02 -21.68 8.80
C GLN A 131 9.37 -20.32 8.91
N MET A 132 9.97 -19.46 9.76
CA MET A 132 9.47 -18.11 9.99
C MET A 132 9.53 -17.28 8.69
N LEU A 133 10.65 -17.36 7.97
CA LEU A 133 10.83 -16.62 6.70
C LEU A 133 9.76 -16.97 5.67
N LEU A 134 9.50 -18.26 5.47
CA LEU A 134 8.47 -18.69 4.51
C LEU A 134 7.06 -18.36 4.98
N ASN A 135 6.86 -18.35 6.28
CA ASN A 135 5.57 -17.98 6.82
C ASN A 135 5.35 -16.51 6.48
N GLY A 136 6.40 -15.72 6.68
CA GLY A 136 6.36 -14.29 6.38
C GLY A 136 6.05 -14.09 4.93
N LEU A 137 6.77 -14.80 4.06
CA LEU A 137 6.48 -14.73 2.63
C LEU A 137 5.05 -15.17 2.27
N TYR A 138 4.52 -16.19 2.92
CA TYR A 138 3.16 -16.64 2.64
C TYR A 138 2.22 -15.49 2.83
N TYR A 139 2.44 -14.75 3.90
CA TYR A 139 1.58 -13.68 4.33
C TYR A 139 1.56 -12.53 3.35
N ILE A 140 2.75 -12.04 2.99
CA ILE A 140 2.80 -10.82 2.17
C ILE A 140 2.28 -11.12 0.77
N HIS A 141 2.61 -12.29 0.24
CA HIS A 141 2.07 -12.69 -1.06
C HIS A 141 0.58 -12.87 -0.98
N ARG A 142 0.08 -13.53 0.06
CA ARG A 142 -1.38 -13.61 0.30
C ARG A 142 -2.05 -12.24 0.32
N ASN A 143 -1.30 -11.21 0.66
CA ASN A 143 -1.79 -9.84 0.65
C ASN A 143 -1.47 -9.08 -0.62
N LYS A 144 -1.29 -9.84 -1.71
CA LYS A 144 -1.08 -9.30 -3.04
C LYS A 144 0.11 -8.33 -3.03
N ILE A 145 1.24 -8.74 -2.44
CA ILE A 145 2.43 -7.86 -2.39
C ILE A 145 3.73 -8.59 -2.66
N LEU A 146 4.56 -8.02 -3.53
CA LEU A 146 5.89 -8.57 -3.80
C LEU A 146 6.93 -7.77 -3.02
N HIS A 147 7.86 -8.49 -2.41
CA HIS A 147 8.86 -7.86 -1.57
C HIS A 147 9.94 -7.21 -2.42
N ARG A 148 10.39 -7.97 -3.43
CA ARG A 148 11.34 -7.53 -4.44
C ARG A 148 12.71 -7.07 -3.95
N ASP A 149 13.14 -7.60 -2.81
CA ASP A 149 14.44 -7.22 -2.25
C ASP A 149 14.88 -8.22 -1.16
N MET A 150 14.65 -9.50 -1.45
CA MET A 150 15.03 -10.54 -0.52
C MET A 150 16.55 -10.61 -0.50
N LYS A 151 17.09 -10.60 0.69
CA LYS A 151 18.50 -10.80 0.93
C LYS A 151 18.73 -10.95 2.43
N ALA A 152 19.77 -11.67 2.81
CA ALA A 152 20.12 -11.84 4.22
C ALA A 152 20.00 -10.54 5.03
N ALA A 153 20.54 -9.45 4.49
CA ALA A 153 20.61 -8.14 5.19
C ALA A 153 19.24 -7.55 5.61
N ASN A 154 18.24 -7.80 4.78
CA ASN A 154 16.83 -7.42 5.03
C ASN A 154 15.96 -8.43 5.88
N VAL A 155 16.60 -9.39 6.55
CA VAL A 155 15.89 -10.38 7.36
C VAL A 155 16.36 -10.21 8.79
N LEU A 156 15.55 -9.59 9.62
CA LEU A 156 15.94 -9.27 10.97
C LEU A 156 15.50 -10.35 11.94
N ILE A 157 16.12 -10.39 13.12
CA ILE A 157 15.64 -11.25 14.21
C ILE A 157 15.67 -10.54 15.54
N THR A 158 14.55 -10.63 16.26
CA THR A 158 14.42 -9.97 17.56
C THR A 158 15.19 -10.76 18.59
N ARG A 159 15.55 -10.08 19.68
CA ARG A 159 16.20 -10.70 20.83
C ARG A 159 15.41 -11.83 21.45
N ASP A 160 14.10 -11.94 21.19
CA ASP A 160 13.37 -13.14 21.59
C ASP A 160 13.24 -14.11 20.42
N GLY A 161 14.22 -14.08 19.51
CA GLY A 161 14.29 -14.99 18.34
C GLY A 161 13.14 -15.08 17.37
N VAL A 162 12.50 -13.94 17.11
CA VAL A 162 11.43 -13.83 16.13
C VAL A 162 11.95 -13.12 14.88
N LEU A 163 11.87 -13.80 13.74
CA LEU A 163 12.39 -13.25 12.49
C LEU A 163 11.35 -12.31 11.91
N LYS A 164 11.84 -11.23 11.29
CA LYS A 164 11.02 -10.20 10.66
C LYS A 164 11.59 -9.91 9.29
N LEU A 165 10.73 -9.91 8.28
CA LEU A 165 11.09 -9.37 6.98
C LEU A 165 11.03 -7.86 7.05
N ALA A 166 12.06 -7.20 6.52
CA ALA A 166 12.20 -5.74 6.55
C ALA A 166 12.62 -5.16 5.18
N ASP A 167 12.61 -3.83 5.10
CA ASP A 167 12.87 -3.08 3.87
C ASP A 167 11.85 -3.40 2.79
N PHE A 168 10.70 -2.74 2.92
CA PHE A 168 9.70 -2.72 1.87
C PHE A 168 9.86 -1.46 0.97
N GLY A 169 11.08 -0.96 0.87
CA GLY A 169 11.39 0.21 0.08
C GLY A 169 11.17 0.01 -1.40
N LEU A 170 11.58 -1.15 -1.93
CA LEU A 170 11.30 -1.46 -3.34
C LEU A 170 10.18 -2.48 -3.49
N ALA A 171 9.39 -2.68 -2.43
CA ALA A 171 8.16 -3.46 -2.51
C ALA A 171 7.02 -2.74 -3.26
N ARG A 172 6.13 -3.57 -3.80
CA ARG A 172 5.06 -3.17 -4.70
C ARG A 172 3.92 -4.19 -4.61
N ALA A 173 2.70 -3.70 -4.78
CA ALA A 173 1.51 -4.55 -4.89
C ALA A 173 1.40 -5.20 -6.30
N PHE A 174 0.86 -6.43 -6.36
CA PHE A 174 0.70 -7.19 -7.63
C PHE A 174 -0.69 -7.80 -7.82
N SER A 175 -1.00 -8.22 -9.04
CA SER A 175 -2.30 -8.89 -9.37
C SER A 175 -2.31 -9.59 -10.75
N LEU A 176 -3.43 -10.25 -11.04
CA LEU A 176 -3.67 -10.89 -12.34
C LEU A 176 -5.18 -11.00 -12.54
N GLN A 181 -3.89 -8.45 -21.89
CA GLN A 181 -2.99 -7.40 -21.42
C GLN A 181 -1.98 -8.01 -20.43
N PRO A 182 -0.66 -7.76 -20.61
CA PRO A 182 0.34 -8.24 -19.65
C PRO A 182 0.71 -7.20 -18.59
N ASN A 183 1.17 -7.67 -17.42
CA ASN A 183 1.62 -6.79 -16.35
C ASN A 183 2.98 -6.20 -16.70
N ARG A 184 3.12 -4.88 -16.54
CA ARG A 184 4.37 -4.20 -16.89
C ARG A 184 5.06 -3.74 -15.61
N TYR A 185 5.78 -4.67 -14.95
CA TYR A 185 6.47 -4.36 -13.67
C TYR A 185 7.96 -4.05 -13.89
N ASN A 187 11.86 -3.85 -13.77
CA ASN A 187 12.72 -5.02 -13.97
C ASN A 187 14.01 -5.02 -13.15
N ARG A 188 14.64 -3.85 -13.00
CA ARG A 188 15.74 -3.68 -12.06
C ARG A 188 15.13 -3.71 -10.65
N VAL A 189 15.00 -4.92 -10.11
CA VAL A 189 14.54 -5.17 -8.74
C VAL A 189 15.23 -6.41 -8.19
N VAL A 190 15.41 -6.43 -6.87
CA VAL A 190 16.22 -7.42 -6.13
C VAL A 190 17.71 -7.10 -6.29
N THR A 191 18.46 -7.24 -5.19
CA THR A 191 19.93 -7.16 -5.23
C THR A 191 20.42 -8.16 -6.27
N LEU A 192 21.63 -7.98 -6.76
CA LEU A 192 22.15 -8.84 -7.84
C LEU A 192 22.30 -10.33 -7.49
N TRP A 193 22.92 -10.62 -6.33
CA TRP A 193 23.23 -12.02 -5.96
C TRP A 193 22.00 -12.88 -5.61
N TYR A 194 20.87 -12.24 -5.32
CA TYR A 194 19.63 -12.91 -4.96
C TYR A 194 18.56 -12.73 -6.03
N ARG A 195 18.96 -12.22 -7.21
CA ARG A 195 17.99 -11.91 -8.26
C ARG A 195 17.67 -13.18 -9.00
N PRO A 196 16.39 -13.40 -9.34
CA PRO A 196 16.05 -14.63 -10.07
C PRO A 196 16.38 -14.60 -11.56
N PRO A 197 16.51 -15.79 -12.18
CA PRO A 197 16.58 -15.96 -13.62
C PRO A 197 15.63 -15.06 -14.39
N GLU A 198 14.32 -15.21 -14.18
CA GLU A 198 13.32 -14.51 -15.00
C GLU A 198 13.66 -13.05 -15.18
N LEU A 199 14.03 -12.42 -14.07
CA LEU A 199 14.29 -10.99 -14.05
C LEU A 199 15.52 -10.61 -14.86
N LEU A 200 16.53 -11.48 -14.85
CA LEU A 200 17.74 -11.25 -15.63
C LEU A 200 17.47 -11.42 -17.15
N LEU A 201 16.78 -12.50 -17.55
CA LEU A 201 16.25 -12.62 -18.93
C LEU A 201 15.11 -11.62 -19.22
N GLY A 202 15.11 -10.46 -18.56
CA GLY A 202 14.20 -9.36 -18.86
C GLY A 202 12.70 -9.54 -18.67
N GLU A 203 12.28 -10.39 -17.73
CA GLU A 203 10.84 -10.62 -17.50
C GLU A 203 10.19 -9.41 -16.81
N ARG A 204 9.03 -8.98 -17.33
CA ARG A 204 8.26 -7.83 -16.82
C ARG A 204 6.85 -8.16 -16.25
N ASP A 205 6.37 -9.39 -16.47
CA ASP A 205 5.19 -9.96 -15.81
C ASP A 205 5.62 -11.20 -14.99
N TYR A 206 5.97 -10.92 -13.74
CA TYR A 206 6.42 -11.90 -12.76
C TYR A 206 5.55 -11.71 -11.52
N GLY A 207 5.76 -12.57 -10.54
CA GLY A 207 5.09 -12.46 -9.26
C GLY A 207 5.87 -13.15 -8.14
N PRO A 208 5.15 -13.74 -7.17
CA PRO A 208 5.78 -14.21 -5.94
C PRO A 208 6.98 -15.12 -6.07
N PRO A 209 7.04 -15.97 -7.11
CA PRO A 209 8.25 -16.76 -7.26
C PRO A 209 9.58 -16.01 -7.16
N ILE A 210 9.62 -14.74 -7.55
CA ILE A 210 10.88 -13.96 -7.45
C ILE A 210 11.40 -13.89 -6.01
N ASP A 211 10.49 -13.77 -5.04
CA ASP A 211 10.86 -13.77 -3.62
C ASP A 211 11.30 -15.15 -3.15
N LEU A 212 10.62 -16.19 -3.61
CA LEU A 212 11.00 -17.55 -3.26
C LEU A 212 12.36 -17.95 -3.79
N TRP A 213 12.68 -17.47 -4.98
CA TRP A 213 14.05 -17.62 -5.46
C TRP A 213 15.04 -17.10 -4.42
N GLY A 214 14.81 -15.86 -3.97
CA GLY A 214 15.63 -15.23 -2.91
C GLY A 214 15.74 -16.08 -1.65
N ALA A 215 14.60 -16.57 -1.17
CA ALA A 215 14.56 -17.41 0.01
C ALA A 215 15.54 -18.58 -0.10
N GLY A 216 15.69 -19.11 -1.32
CA GLY A 216 16.64 -20.18 -1.61
C GLY A 216 18.10 -19.80 -1.40
N CYS A 217 18.50 -18.67 -2.00
CA CYS A 217 19.86 -18.16 -1.83
C CYS A 217 20.13 -17.88 -0.37
N ILE A 218 19.12 -17.40 0.35
CA ILE A 218 19.25 -17.19 1.78
C ILE A 218 19.31 -18.55 2.50
N MET A 219 18.42 -19.48 2.15
CA MET A 219 18.41 -20.78 2.81
C MET A 219 19.80 -21.37 2.77
N ALA A 220 20.36 -21.48 1.57
CA ALA A 220 21.71 -22.01 1.36
C ALA A 220 22.72 -21.29 2.23
N GLU A 221 22.66 -19.96 2.19
CA GLU A 221 23.54 -19.06 2.96
C GLU A 221 23.55 -19.36 4.44
N MET A 222 22.47 -19.95 4.95
CA MET A 222 22.36 -20.37 6.35
C MET A 222 23.38 -21.42 6.77
N TRP A 223 23.85 -22.23 5.81
CA TRP A 223 24.99 -23.15 6.04
C TRP A 223 26.31 -22.61 5.48
N THR A 224 26.29 -22.12 4.22
CA THR A 224 27.52 -21.60 3.58
C THR A 224 28.10 -20.33 4.20
N ARG A 225 27.35 -19.69 5.10
CA ARG A 225 27.77 -18.45 5.78
C ARG A 225 28.21 -17.29 4.87
N SER A 226 27.93 -17.38 3.57
CA SER A 226 28.21 -16.32 2.62
C SER A 226 27.38 -16.53 1.35
N PRO A 227 26.83 -15.43 0.76
CA PRO A 227 26.01 -15.53 -0.44
C PRO A 227 26.65 -16.38 -1.53
N ILE A 228 25.87 -17.26 -2.11
CA ILE A 228 26.39 -18.34 -2.93
C ILE A 228 26.73 -17.97 -4.38
N MET A 229 26.21 -16.86 -4.87
CA MET A 229 26.34 -16.53 -6.28
C MET A 229 26.67 -15.04 -6.53
N GLN A 230 27.93 -14.67 -6.26
CA GLN A 230 28.33 -13.26 -6.21
C GLN A 230 28.76 -12.67 -7.57
N GLY A 231 27.78 -12.37 -8.41
CA GLY A 231 28.04 -11.80 -9.74
C GLY A 231 28.42 -10.33 -9.72
N ASN A 232 28.78 -9.84 -10.91
CA ASN A 232 29.23 -8.43 -11.14
C ASN A 232 28.31 -7.70 -12.11
N THR A 233 27.72 -8.43 -13.05
CA THR A 233 26.75 -7.90 -14.01
C THR A 233 25.62 -8.90 -14.24
N GLU A 234 24.58 -8.44 -14.91
CA GLU A 234 23.43 -9.27 -15.35
C GLU A 234 23.90 -10.61 -15.96
N GLN A 235 24.78 -10.51 -16.96
CA GLN A 235 25.32 -11.68 -17.68
C GLN A 235 26.25 -12.52 -16.81
N HIS A 236 27.18 -11.87 -16.13
CA HIS A 236 28.12 -12.57 -15.25
C HIS A 236 27.39 -13.26 -14.07
N GLN A 237 26.25 -12.70 -13.62
CA GLN A 237 25.38 -13.35 -12.62
C GLN A 237 24.74 -14.57 -13.24
N LEU A 238 23.98 -14.35 -14.32
CA LEU A 238 23.23 -15.42 -15.03
C LEU A 238 24.10 -16.62 -15.46
N ALA A 239 25.38 -16.32 -15.71
CA ALA A 239 26.43 -17.33 -15.86
C ALA A 239 26.54 -18.21 -14.61
N LEU A 240 26.87 -17.57 -13.48
CA LEU A 240 27.01 -18.21 -12.14
C LEU A 240 25.81 -19.10 -11.73
N ILE A 241 24.61 -18.64 -12.08
CA ILE A 241 23.35 -19.37 -11.89
C ILE A 241 23.34 -20.62 -12.76
N SER A 242 23.67 -20.42 -14.04
CA SER A 242 23.73 -21.54 -14.99
C SER A 242 24.74 -22.62 -14.58
N GLN A 243 25.85 -22.20 -13.97
CA GLN A 243 26.84 -23.12 -13.37
C GLN A 243 26.38 -23.84 -12.10
N LEU A 244 25.07 -23.88 -11.82
CA LEU A 244 24.56 -24.52 -10.61
C LEU A 244 23.21 -25.24 -10.80
N CYS A 245 22.27 -24.60 -11.51
CA CYS A 245 20.92 -25.11 -11.68
C CYS A 245 20.68 -25.78 -13.04
N GLY A 246 21.75 -26.12 -13.74
CA GLY A 246 21.69 -26.49 -15.16
C GLY A 246 21.78 -25.22 -15.98
N SER A 247 21.67 -25.35 -17.29
CA SER A 247 21.62 -24.16 -18.13
C SER A 247 20.21 -24.03 -18.69
N ILE A 248 19.97 -22.91 -19.35
CA ILE A 248 18.63 -22.36 -19.47
C ILE A 248 17.95 -22.92 -20.74
N THR A 249 17.56 -24.19 -20.65
CA THR A 249 17.01 -24.95 -21.79
C THR A 249 15.48 -24.90 -21.81
N PRO A 250 14.85 -24.79 -23.01
CA PRO A 250 13.39 -24.95 -23.14
C PRO A 250 12.88 -26.35 -22.76
N GLU A 251 13.78 -27.33 -22.82
CA GLU A 251 13.55 -28.63 -22.21
C GLU A 251 13.29 -28.45 -20.71
N VAL A 252 14.22 -27.78 -20.03
CA VAL A 252 14.19 -27.57 -18.57
C VAL A 252 13.19 -26.45 -18.15
N TRP A 253 12.85 -25.53 -19.05
CA TRP A 253 11.98 -24.36 -18.74
C TRP A 253 11.06 -24.02 -19.95
N PRO A 254 9.92 -24.75 -20.11
CA PRO A 254 9.01 -24.53 -21.27
C PRO A 254 8.75 -23.06 -21.61
N ASN A 255 9.21 -22.64 -22.79
CA ASN A 255 9.07 -21.27 -23.35
C ASN A 255 10.18 -20.25 -23.04
N VAL A 256 11.33 -20.69 -22.51
CA VAL A 256 12.45 -19.77 -22.24
C VAL A 256 13.05 -19.15 -23.51
N ASP A 257 13.08 -19.94 -24.59
CA ASP A 257 13.45 -19.46 -25.94
C ASP A 257 12.81 -18.09 -26.27
N ASN A 258 11.48 -18.01 -26.09
CA ASN A 258 10.64 -16.80 -26.29
C ASN A 258 11.09 -15.43 -25.71
N TYR A 259 12.16 -15.41 -24.90
CA TYR A 259 12.62 -14.18 -24.27
C TYR A 259 13.65 -13.46 -25.15
N GLU A 260 13.36 -12.18 -25.43
CA GLU A 260 14.27 -11.23 -26.12
C GLU A 260 15.75 -11.48 -25.79
N LEU A 261 16.14 -11.24 -24.54
CA LEU A 261 17.54 -11.35 -24.10
C LEU A 261 18.11 -12.79 -24.08
N TYR A 262 17.42 -13.77 -24.68
CA TYR A 262 17.97 -15.12 -24.83
C TYR A 262 19.10 -15.16 -25.88
N GLU A 263 20.16 -15.89 -25.52
CA GLU A 263 21.50 -15.76 -26.07
C GLU A 263 22.03 -14.34 -25.85
N LYS A 264 22.19 -14.06 -24.55
CA LYS A 264 23.29 -13.27 -24.03
C LYS A 264 24.45 -14.29 -24.02
N LEU A 265 25.48 -14.08 -23.19
CA LEU A 265 26.62 -15.04 -23.14
C LEU A 265 26.20 -16.47 -22.70
N GLU A 266 24.94 -16.63 -22.26
CA GLU A 266 24.28 -17.91 -21.96
C GLU A 266 24.73 -19.09 -22.83
N LEU A 267 25.72 -19.85 -22.30
CA LEU A 267 26.28 -21.03 -22.97
C LEU A 267 25.19 -22.02 -23.41
N VAL A 268 24.77 -21.89 -24.67
CA VAL A 268 23.75 -22.79 -25.25
C VAL A 268 24.35 -24.19 -25.52
N LYS A 269 24.64 -24.90 -24.42
CA LYS A 269 25.29 -26.21 -24.39
C LYS A 269 25.80 -26.46 -22.96
N GLY A 270 26.72 -25.61 -22.53
CA GLY A 270 27.38 -25.72 -21.22
C GLY A 270 26.44 -25.67 -20.03
N GLN A 271 25.95 -26.84 -19.62
CA GLN A 271 25.09 -27.01 -18.44
C GLN A 271 25.76 -27.93 -17.42
N LYS A 272 25.45 -27.72 -16.15
CA LYS A 272 25.66 -28.72 -15.11
C LYS A 272 24.31 -29.43 -14.91
N ARG A 273 24.06 -29.93 -13.69
CA ARG A 273 22.77 -30.50 -13.29
C ARG A 273 22.31 -29.81 -12.02
N LYS A 274 23.07 -30.01 -10.94
CA LYS A 274 22.53 -29.82 -9.60
C LYS A 274 23.22 -28.85 -8.64
N VAL A 275 22.31 -28.27 -7.85
CA VAL A 275 22.60 -27.42 -6.72
C VAL A 275 23.17 -28.32 -5.62
N LYS A 276 22.47 -29.42 -5.38
CA LYS A 276 22.79 -30.41 -4.35
C LYS A 276 24.27 -30.73 -4.23
N ASP A 277 24.91 -30.94 -5.38
CA ASP A 277 26.33 -31.30 -5.42
C ASP A 277 27.20 -30.24 -4.79
N ARG A 278 27.13 -29.00 -5.28
CA ARG A 278 28.03 -27.95 -4.79
C ARG A 278 27.74 -27.53 -3.32
N LEU A 279 26.60 -27.98 -2.78
CA LEU A 279 26.17 -27.68 -1.39
C LEU A 279 26.19 -28.84 -0.39
N LYS A 280 26.12 -30.09 -0.88
CA LYS A 280 26.32 -31.29 -0.06
C LYS A 280 27.40 -31.13 1.01
N ALA A 281 28.55 -30.57 0.61
CA ALA A 281 29.69 -30.30 1.48
C ALA A 281 29.33 -29.54 2.77
N TYR A 282 28.47 -28.53 2.65
CA TYR A 282 28.07 -27.68 3.79
C TYR A 282 26.77 -28.13 4.45
N VAL A 283 25.76 -28.41 3.62
CA VAL A 283 24.43 -28.83 4.09
C VAL A 283 24.48 -30.35 4.29
N ARG A 284 24.43 -30.77 5.55
CA ARG A 284 24.45 -32.19 5.90
C ARG A 284 23.08 -32.81 5.63
N ASP A 285 22.07 -32.38 6.38
CA ASP A 285 20.71 -32.93 6.33
C ASP A 285 20.30 -33.20 4.86
N PRO A 286 19.91 -34.46 4.55
CA PRO A 286 19.37 -34.77 3.21
C PRO A 286 18.10 -34.01 2.84
N TYR A 287 17.20 -33.82 3.81
CA TYR A 287 15.91 -33.12 3.61
C TYR A 287 16.08 -31.62 3.28
N ALA A 288 17.05 -30.96 3.92
CA ALA A 288 17.39 -29.56 3.65
C ALA A 288 17.75 -29.32 2.16
N LEU A 289 18.79 -30.01 1.70
CA LEU A 289 19.22 -29.97 0.28
C LEU A 289 18.04 -30.06 -0.67
N ASP A 290 17.08 -30.92 -0.36
CA ASP A 290 15.92 -31.11 -1.22
C ASP A 290 15.03 -29.86 -1.27
N LEU A 291 14.80 -29.24 -0.11
CA LEU A 291 14.00 -28.01 -0.11
C LEU A 291 14.68 -26.95 -0.96
N ILE A 292 15.96 -26.70 -0.64
CA ILE A 292 16.82 -25.79 -1.41
C ILE A 292 16.72 -26.02 -2.93
N ASP A 293 16.72 -27.28 -3.35
CA ASP A 293 16.65 -27.61 -4.77
C ASP A 293 15.29 -27.22 -5.39
N LYS A 294 14.18 -27.46 -4.70
CA LYS A 294 12.86 -27.07 -5.23
C LYS A 294 12.59 -25.56 -5.18
N LEU A 295 13.41 -24.84 -4.39
CA LEU A 295 13.39 -23.37 -4.32
C LEU A 295 14.23 -22.72 -5.41
N LEU A 296 15.45 -23.22 -5.60
CA LEU A 296 16.37 -22.73 -6.66
C LEU A 296 16.15 -23.48 -7.99
N VAL A 297 14.93 -23.37 -8.48
CA VAL A 297 14.48 -24.00 -9.70
C VAL A 297 14.57 -22.89 -10.74
N LEU A 298 14.82 -23.26 -12.00
CA LEU A 298 14.96 -22.26 -13.06
C LEU A 298 13.62 -21.68 -13.44
N ASP A 299 12.69 -22.56 -13.80
CA ASP A 299 11.36 -22.13 -14.23
C ASP A 299 10.57 -21.58 -13.01
N PRO A 300 10.25 -20.26 -13.00
CA PRO A 300 9.45 -19.64 -11.92
C PRO A 300 8.10 -20.30 -11.68
N ALA A 301 7.45 -20.74 -12.75
CA ALA A 301 6.17 -21.41 -12.63
C ALA A 301 6.28 -22.88 -12.14
N GLN A 302 7.49 -23.44 -12.05
CA GLN A 302 7.74 -24.76 -11.45
C GLN A 302 8.61 -24.70 -10.18
N ARG A 303 8.78 -23.49 -9.63
CA ARG A 303 9.52 -23.26 -8.37
C ARG A 303 8.57 -23.54 -7.23
N ILE A 304 9.10 -24.04 -6.11
CA ILE A 304 8.24 -24.35 -4.95
C ILE A 304 7.64 -23.05 -4.44
N ASP A 305 6.41 -23.14 -3.90
CA ASP A 305 5.77 -21.96 -3.29
C ASP A 305 5.87 -21.98 -1.76
N ASP A 307 3.58 -22.00 0.35
CA ASP A 307 2.70 -22.99 1.01
C ASP A 307 3.23 -24.44 1.03
N ASP A 308 3.48 -25.02 -0.14
CA ASP A 308 4.10 -26.35 -0.28
C ASP A 308 5.48 -26.45 0.35
N ALA A 309 6.26 -25.37 0.34
CA ALA A 309 7.57 -25.35 1.02
C ALA A 309 7.47 -25.55 2.53
N LEU A 310 6.45 -24.95 3.15
CA LEU A 310 6.27 -25.00 4.63
C LEU A 310 5.84 -26.37 5.08
N ASN A 311 5.24 -27.09 4.12
CA ASN A 311 4.73 -28.43 4.29
C ASN A 311 5.74 -29.51 3.92
N HIS A 312 6.90 -29.10 3.41
CA HIS A 312 7.99 -30.01 3.03
C HIS A 312 8.56 -30.68 4.27
N ASP A 313 8.90 -31.97 4.15
CA ASP A 313 9.33 -32.81 5.29
C ASP A 313 10.52 -32.28 6.13
N PHE A 314 11.20 -31.25 5.64
CA PHE A 314 12.25 -30.50 6.34
C PHE A 314 11.74 -29.94 7.65
N PHE A 315 10.53 -29.39 7.60
CA PHE A 315 9.88 -28.77 8.76
C PHE A 315 9.09 -29.74 9.64
N TRP A 316 9.14 -31.03 9.30
CA TRP A 316 8.31 -32.05 9.95
C TRP A 316 9.09 -33.35 10.25
N SER A 317 10.39 -33.23 10.46
CA SER A 317 11.27 -34.34 10.75
C SER A 317 12.29 -33.84 11.76
N ASP A 318 13.06 -34.77 12.34
CA ASP A 318 13.95 -34.40 13.45
C ASP A 318 15.33 -33.95 12.93
N PRO A 319 16.09 -33.17 13.71
CA PRO A 319 15.60 -32.42 14.87
C PRO A 319 14.52 -31.42 14.43
N MET A 320 13.36 -31.46 15.08
CA MET A 320 12.22 -30.56 14.77
C MET A 320 12.58 -29.10 15.05
N PRO A 321 11.81 -28.13 14.49
CA PRO A 321 12.29 -26.74 14.59
C PRO A 321 12.17 -26.17 16.02
N SER A 322 13.14 -25.36 16.43
CA SER A 322 13.27 -24.89 17.81
C SER A 322 13.52 -23.36 17.94
N ASP A 323 13.16 -22.78 19.08
CA ASP A 323 13.35 -21.33 19.34
C ASP A 323 14.80 -20.92 19.49
N LEU A 324 15.06 -19.60 19.47
CA LEU A 324 16.43 -19.06 19.28
C LEU A 324 17.10 -18.30 20.48
N LYS A 325 18.43 -18.51 20.59
CA LYS A 325 19.35 -17.77 21.49
C LYS A 325 20.65 -17.41 20.75
N GLY A 326 21.31 -18.44 20.21
CA GLY A 326 22.36 -18.25 19.22
C GLY A 326 21.77 -17.76 17.90
N ASN B 8 -6.38 3.68 15.12
CA ASN B 8 -7.77 3.38 15.58
C ASN B 8 -8.72 3.03 14.39
N ASN B 9 -9.53 1.99 14.55
CA ASN B 9 -10.49 1.53 13.51
C ASN B 9 -11.74 2.40 13.38
N LYS B 10 -11.98 3.24 14.38
CA LYS B 10 -13.13 4.16 14.39
C LYS B 10 -12.65 5.59 14.65
N ARG B 11 -11.43 5.90 14.22
CA ARG B 11 -10.87 7.25 14.37
C ARG B 11 -11.59 8.27 13.52
N TRP B 12 -11.87 7.87 12.28
CA TRP B 12 -12.43 8.77 11.29
C TRP B 12 -13.94 8.64 11.15
N TYR B 13 -14.61 8.19 12.21
CA TYR B 13 -16.06 8.10 12.25
C TYR B 13 -16.55 8.94 13.42
N PHE B 14 -17.66 9.63 13.22
CA PHE B 14 -18.11 10.70 14.12
C PHE B 14 -19.60 10.57 14.32
N THR B 15 -20.05 11.09 15.46
CA THR B 15 -21.46 11.18 15.76
C THR B 15 -21.97 12.50 15.25
N ARG B 16 -23.29 12.62 15.20
CA ARG B 16 -23.93 13.88 14.82
C ARG B 16 -23.56 14.98 15.78
N GLU B 17 -23.53 14.64 17.07
CA GLU B 17 -23.01 15.48 18.15
C GLU B 17 -21.59 16.01 17.85
N GLN B 18 -20.71 15.12 17.41
CA GLN B 18 -19.31 15.47 17.06
C GLN B 18 -19.21 16.39 15.83
N LEU B 19 -19.97 16.05 14.79
CA LEU B 19 -20.04 16.83 13.54
C LEU B 19 -20.52 18.26 13.75
N GLU B 20 -21.49 18.42 14.63
CA GLU B 20 -21.99 19.73 15.03
C GLU B 20 -20.84 20.59 15.62
N ASN B 21 -20.02 20.00 16.49
CA ASN B 21 -18.90 20.73 17.10
C ASN B 21 -17.61 20.57 16.32
N SER B 22 -17.69 20.87 15.03
CA SER B 22 -16.55 20.78 14.12
C SER B 22 -15.56 21.92 14.40
N PRO B 23 -14.30 21.76 13.98
CA PRO B 23 -13.38 22.89 14.05
C PRO B 23 -13.90 24.16 13.36
N SER B 24 -14.74 24.02 12.33
CA SER B 24 -15.30 25.18 11.64
C SER B 24 -16.37 25.93 12.45
N ARG B 25 -17.27 25.21 13.13
CA ARG B 25 -18.26 25.85 14.05
C ARG B 25 -17.56 26.69 15.08
N ARG B 26 -16.46 26.11 15.57
CA ARG B 26 -15.57 26.66 16.58
C ARG B 26 -15.01 28.05 16.15
N PHE B 27 -14.82 28.29 14.86
CA PHE B 27 -14.49 29.64 14.33
C PHE B 27 -15.72 30.38 13.70
N GLY B 28 -16.92 30.13 14.22
CA GLY B 28 -18.15 30.84 13.85
C GLY B 28 -18.86 30.52 12.54
N VAL B 29 -18.71 29.30 12.05
CA VAL B 29 -19.27 28.90 10.76
C VAL B 29 -20.53 28.09 10.99
N ASP B 30 -21.70 28.57 10.53
CA ASP B 30 -22.98 27.84 10.72
C ASP B 30 -22.82 26.41 10.23
N PRO B 31 -23.61 25.47 10.79
CA PRO B 31 -23.73 24.13 10.17
C PRO B 31 -24.06 24.20 8.67
N ASP B 32 -25.09 24.98 8.33
CA ASP B 32 -25.43 25.40 6.97
C ASP B 32 -24.24 25.69 6.07
N LYS B 33 -23.47 26.72 6.44
CA LYS B 33 -22.36 27.20 5.64
C LYS B 33 -21.35 26.09 5.45
N GLU B 34 -20.99 25.40 6.53
CA GLU B 34 -19.99 24.31 6.49
C GLU B 34 -20.33 23.23 5.47
N LEU B 35 -21.51 22.61 5.58
CA LEU B 35 -21.89 21.54 4.61
C LEU B 35 -21.84 22.09 3.19
N SER B 36 -22.04 23.40 3.04
CA SER B 36 -21.93 24.07 1.75
C SER B 36 -20.48 24.07 1.27
N TYR B 37 -19.59 24.62 2.08
CA TYR B 37 -18.14 24.56 1.81
C TYR B 37 -17.65 23.14 1.45
N ARG B 38 -18.19 22.13 2.14
CA ARG B 38 -17.88 20.73 1.83
C ARG B 38 -18.31 20.37 0.42
N GLN B 39 -19.61 20.54 0.16
CA GLN B 39 -20.24 20.30 -1.16
C GLN B 39 -19.46 20.96 -2.26
N GLN B 40 -18.99 22.18 -1.99
CA GLN B 40 -18.20 22.95 -2.95
C GLN B 40 -16.84 22.35 -3.28
N ALA B 41 -16.11 21.92 -2.25
CA ALA B 41 -14.81 21.30 -2.49
C ALA B 41 -14.93 20.00 -3.26
N ALA B 42 -16.02 19.26 -3.03
CA ALA B 42 -16.32 18.06 -3.82
C ALA B 42 -16.51 18.40 -5.30
N ASN B 43 -17.28 19.45 -5.58
CA ASN B 43 -17.51 19.89 -6.96
C ASN B 43 -16.22 20.31 -7.66
N LEU B 44 -15.39 21.08 -6.96
CA LEU B 44 -14.11 21.47 -7.52
C LEU B 44 -13.30 20.24 -7.83
N LEU B 45 -13.29 19.30 -6.88
CA LEU B 45 -12.54 18.04 -7.06
C LEU B 45 -13.04 17.23 -8.27
N GLN B 46 -14.35 17.09 -8.39
CA GLN B 46 -14.94 16.36 -9.51
C GLN B 46 -14.64 17.06 -10.83
N ASP B 47 -14.70 18.39 -10.83
CA ASP B 47 -14.43 19.19 -12.03
C ASP B 47 -12.97 18.97 -12.47
N MET B 48 -12.03 19.26 -11.58
CA MET B 48 -10.60 19.09 -11.89
C MET B 48 -10.27 17.64 -12.27
N GLY B 49 -10.91 16.69 -11.58
CA GLY B 49 -10.65 15.30 -11.79
C GLY B 49 -10.98 14.88 -13.22
N GLN B 50 -12.15 15.31 -13.67
CA GLN B 50 -12.60 15.16 -15.06
C GLN B 50 -11.70 15.79 -16.10
N ARG B 51 -11.22 17.01 -15.85
CA ARG B 51 -10.31 17.66 -16.80
C ARG B 51 -8.95 16.99 -16.74
N LEU B 52 -8.57 16.56 -15.53
CA LEU B 52 -7.31 15.83 -15.36
C LEU B 52 -7.36 14.40 -15.85
N ASN B 53 -8.55 13.91 -16.18
CA ASN B 53 -8.79 12.57 -16.68
C ASN B 53 -8.40 11.51 -15.66
N VAL B 54 -8.70 11.77 -14.39
CA VAL B 54 -8.51 10.76 -13.37
C VAL B 54 -9.82 10.00 -13.15
N SER B 55 -9.71 8.80 -12.58
CA SER B 55 -10.84 7.92 -12.32
C SER B 55 -11.77 8.53 -11.29
N GLN B 56 -13.02 8.08 -11.31
CA GLN B 56 -13.97 8.53 -10.28
C GLN B 56 -13.52 8.10 -8.90
N LEU B 57 -12.95 6.90 -8.83
CA LEU B 57 -12.30 6.43 -7.63
C LEU B 57 -11.31 7.49 -7.06
N THR B 58 -10.36 7.95 -7.87
CA THR B 58 -9.40 8.95 -7.40
C THR B 58 -10.09 10.21 -6.87
N ILE B 59 -11.10 10.70 -7.58
CA ILE B 59 -11.93 11.80 -7.09
C ILE B 59 -12.55 11.44 -5.74
N ASN B 60 -13.09 10.23 -5.63
CA ASN B 60 -13.72 9.80 -4.39
C ASN B 60 -12.75 9.74 -3.22
N THR B 61 -11.57 9.21 -3.46
CA THR B 61 -10.51 9.21 -2.47
C THR B 61 -10.24 10.64 -2.06
N ALA B 62 -10.06 11.52 -3.04
CA ALA B 62 -9.81 12.95 -2.75
C ALA B 62 -10.91 13.62 -1.95
N ILE B 63 -12.17 13.29 -2.24
CA ILE B 63 -13.29 13.81 -1.45
C ILE B 63 -13.23 13.32 0.01
N VAL B 64 -12.94 12.03 0.21
CA VAL B 64 -12.84 11.46 1.58
C VAL B 64 -11.70 12.14 2.38
N TYR B 65 -10.54 12.33 1.75
CA TYR B 65 -9.47 13.10 2.41
C TYR B 65 -10.02 14.45 2.84
N MET B 66 -10.66 15.15 1.91
CA MET B 66 -11.24 16.46 2.17
C MET B 66 -12.22 16.42 3.35
N HIS B 67 -13.14 15.47 3.36
CA HIS B 67 -14.11 15.40 4.48
C HIS B 67 -13.43 15.18 5.85
N ARG B 68 -12.38 14.37 5.87
CA ARG B 68 -11.67 14.04 7.11
C ARG B 68 -10.78 15.18 7.54
N PHE B 69 -10.13 15.80 6.55
CA PHE B 69 -9.32 16.96 6.78
C PHE B 69 -10.07 18.00 7.58
N TYR B 70 -11.33 18.18 7.25
CA TYR B 70 -12.08 19.27 7.84
C TYR B 70 -12.81 18.86 9.12
N MET B 71 -12.60 17.63 9.57
CA MET B 71 -12.92 17.29 10.96
C MET B 71 -11.82 17.69 11.94
N ILE B 72 -10.67 18.15 11.43
CA ILE B 72 -9.54 18.57 12.25
C ILE B 72 -9.21 20.04 12.05
N GLN B 73 -9.15 20.47 10.80
CA GLN B 73 -8.93 21.87 10.44
C GLN B 73 -10.25 22.58 10.11
N SER B 74 -10.24 23.89 10.32
CA SER B 74 -11.40 24.72 10.06
C SER B 74 -11.25 25.33 8.71
N PHE B 75 -12.42 25.52 8.06
CA PHE B 75 -12.49 26.11 6.72
C PHE B 75 -11.99 27.54 6.71
N THR B 76 -12.15 28.22 7.85
CA THR B 76 -11.64 29.60 8.04
C THR B 76 -10.12 29.71 7.99
N ARG B 77 -9.39 28.63 8.30
CA ARG B 77 -7.94 28.64 8.16
C ARG B 77 -7.47 28.04 6.84
N PHE B 78 -8.14 27.00 6.35
CA PHE B 78 -7.81 26.43 5.03
C PHE B 78 -9.05 26.42 4.14
N PRO B 79 -9.06 27.25 3.10
CA PRO B 79 -10.22 27.29 2.21
C PRO B 79 -10.30 26.08 1.24
N GLY B 80 -11.52 25.66 0.92
CA GLY B 80 -11.77 24.56 -0.03
C GLY B 80 -11.00 24.67 -1.34
N ASN B 81 -10.93 25.86 -1.89
CA ASN B 81 -10.17 26.13 -3.12
C ASN B 81 -8.65 25.88 -3.02
N SER B 82 -8.12 25.90 -1.79
CA SER B 82 -6.69 25.61 -1.54
C SER B 82 -6.45 24.13 -1.31
N VAL B 83 -7.24 23.56 -0.43
CA VAL B 83 -7.13 22.17 -0.10
C VAL B 83 -7.38 21.29 -1.32
N ALA B 84 -8.45 21.55 -2.06
CA ALA B 84 -8.93 20.54 -3.03
C ALA B 84 -7.89 20.12 -4.06
N PRO B 85 -7.18 21.07 -4.69
CA PRO B 85 -6.10 20.64 -5.60
C PRO B 85 -4.97 19.83 -4.93
N ALA B 86 -4.56 20.26 -3.74
CA ALA B 86 -3.56 19.52 -3.00
C ALA B 86 -4.05 18.13 -2.72
N ALA B 87 -5.31 18.02 -2.26
CA ALA B 87 -5.91 16.72 -1.91
C ALA B 87 -6.05 15.82 -3.11
N LEU B 88 -6.49 16.37 -4.24
CA LEU B 88 -6.58 15.63 -5.51
C LEU B 88 -5.20 15.29 -6.03
N PHE B 89 -4.26 16.22 -5.92
CA PHE B 89 -2.87 15.96 -6.34
C PHE B 89 -2.37 14.64 -5.72
N LEU B 90 -2.58 14.55 -4.39
CA LEU B 90 -2.17 13.43 -3.55
C LEU B 90 -2.95 12.16 -3.86
N ALA B 91 -4.27 12.27 -3.83
CA ALA B 91 -5.13 11.13 -4.17
C ALA B 91 -4.67 10.41 -5.43
N ALA B 92 -4.34 11.18 -6.46
CA ALA B 92 -3.95 10.61 -7.74
C ALA B 92 -2.63 9.88 -7.63
N LYS B 93 -1.73 10.31 -6.75
CA LYS B 93 -0.46 9.59 -6.48
C LYS B 93 -0.73 8.31 -5.70
N VAL B 94 -1.52 8.46 -4.64
CA VAL B 94 -1.93 7.33 -3.81
C VAL B 94 -2.59 6.25 -4.66
N GLU B 95 -3.54 6.61 -5.52
CA GLU B 95 -4.26 5.61 -6.34
C GLU B 95 -3.54 5.24 -7.64
N GLY B 96 -2.30 5.68 -7.81
CA GLY B 96 -1.48 5.30 -8.97
C GLY B 96 -1.92 5.83 -10.31
N GLN B 97 -2.58 6.99 -10.33
CA GLN B 97 -2.84 7.75 -11.54
C GLN B 97 -2.18 9.10 -11.39
N PRO B 98 -0.88 9.12 -11.05
CA PRO B 98 -0.27 10.36 -10.56
C PRO B 98 -0.33 11.44 -11.62
N LYS B 99 -0.66 12.66 -11.21
CA LYS B 99 -0.69 13.75 -12.18
C LYS B 99 0.40 14.69 -11.76
N LYS B 100 1.15 15.18 -12.75
CA LYS B 100 2.25 16.09 -12.54
C LYS B 100 1.77 17.35 -11.83
N LEU B 101 2.62 17.90 -10.99
CA LEU B 101 2.24 19.01 -10.10
C LEU B 101 1.90 20.29 -10.89
N GLU B 102 2.72 20.62 -11.89
CA GLU B 102 2.43 21.69 -12.85
C GLU B 102 1.02 21.58 -13.33
N HIS B 103 0.73 20.40 -13.84
CA HIS B 103 -0.52 20.06 -14.52
C HIS B 103 -1.72 20.26 -13.61
N VAL B 104 -1.58 19.89 -12.34
CA VAL B 104 -2.67 20.09 -11.38
C VAL B 104 -2.83 21.57 -11.10
N ILE B 105 -1.71 22.30 -11.03
CA ILE B 105 -1.78 23.76 -10.84
C ILE B 105 -2.47 24.53 -11.98
N LYS B 106 -2.09 24.22 -13.23
CA LYS B 106 -2.79 24.73 -14.41
C LYS B 106 -4.30 24.45 -14.33
N VAL B 107 -4.67 23.17 -14.16
CA VAL B 107 -6.09 22.79 -14.16
C VAL B 107 -6.88 23.37 -12.98
N ALA B 108 -6.20 23.56 -11.86
CA ALA B 108 -6.83 24.17 -10.70
C ALA B 108 -7.10 25.63 -11.01
N HIS B 109 -6.15 26.29 -11.69
CA HIS B 109 -6.29 27.70 -12.04
C HIS B 109 -7.47 27.96 -12.96
N THR B 110 -7.45 27.34 -14.13
CA THR B 110 -8.53 27.52 -15.08
C THR B 110 -9.91 27.16 -14.53
N CYS B 111 -9.94 26.29 -13.54
CA CYS B 111 -11.20 25.94 -12.90
C CYS B 111 -11.69 27.07 -12.06
N LEU B 112 -10.77 27.67 -11.32
CA LEU B 112 -11.10 28.66 -10.30
C LEU B 112 -11.14 30.10 -10.83
N HIS B 113 -10.51 30.32 -11.98
CA HIS B 113 -10.34 31.67 -12.55
C HIS B 113 -10.42 31.52 -14.06
N PRO B 114 -11.60 31.16 -14.59
CA PRO B 114 -11.62 30.74 -16.01
C PRO B 114 -11.13 31.81 -16.98
N GLN B 115 -11.45 33.06 -16.67
CA GLN B 115 -11.15 34.21 -17.53
C GLN B 115 -9.68 34.63 -17.43
N GLU B 116 -9.09 34.54 -16.24
CA GLU B 116 -7.71 34.97 -16.04
C GLU B 116 -6.73 34.16 -16.90
N SER B 117 -5.50 34.67 -16.97
CA SER B 117 -4.47 34.07 -17.83
C SER B 117 -3.52 33.19 -17.03
N LEU B 118 -2.95 32.18 -17.69
CA LEU B 118 -2.05 31.22 -17.04
C LEU B 118 -0.75 31.95 -16.77
N PRO B 119 -0.33 32.07 -15.48
CA PRO B 119 0.80 32.97 -15.23
C PRO B 119 2.10 32.46 -15.85
N ASP B 120 3.04 33.39 -16.03
CA ASP B 120 4.36 33.07 -16.57
C ASP B 120 4.87 31.98 -15.65
N THR B 121 5.01 30.75 -16.16
CA THR B 121 5.39 29.60 -15.31
C THR B 121 6.86 29.69 -14.83
N ARG B 122 7.42 30.90 -14.94
CA ARG B 122 8.72 31.32 -14.40
C ARG B 122 8.58 32.40 -13.31
N SER B 123 7.39 33.01 -13.15
CA SER B 123 7.18 34.09 -12.16
C SER B 123 7.32 33.67 -10.69
N GLU B 124 7.29 34.66 -9.79
CA GLU B 124 7.15 34.40 -8.36
C GLU B 124 5.74 33.90 -8.09
N ALA B 125 4.75 34.57 -8.65
CA ALA B 125 3.34 34.20 -8.49
C ALA B 125 3.13 32.70 -8.71
N TYR B 126 3.85 32.13 -9.66
CA TYR B 126 3.78 30.69 -9.97
C TYR B 126 4.69 29.85 -9.08
N LEU B 127 6.01 30.02 -9.18
CA LEU B 127 6.95 29.29 -8.31
C LEU B 127 6.52 29.22 -6.83
N GLN B 128 5.71 30.19 -6.42
CA GLN B 128 5.09 30.20 -5.11
C GLN B 128 3.90 29.28 -5.07
N GLN B 129 2.87 29.57 -5.87
CA GLN B 129 1.65 28.76 -5.79
C GLN B 129 1.93 27.27 -6.06
N VAL B 130 3.12 26.96 -6.61
CA VAL B 130 3.68 25.60 -6.65
C VAL B 130 4.18 25.12 -5.30
N GLN B 131 5.00 25.91 -4.63
CA GLN B 131 5.40 25.61 -3.27
C GLN B 131 4.22 25.56 -2.30
N ASP B 132 3.28 26.50 -2.43
CA ASP B 132 2.06 26.50 -1.60
C ASP B 132 1.32 25.17 -1.60
N LEU B 133 1.26 24.50 -2.76
CA LEU B 133 0.53 23.23 -2.91
C LEU B 133 1.25 22.11 -2.19
N VAL B 134 2.51 21.90 -2.56
CA VAL B 134 3.40 20.96 -1.89
C VAL B 134 3.35 21.12 -0.35
N ILE B 135 3.33 22.37 0.12
CA ILE B 135 3.14 22.66 1.53
C ILE B 135 1.81 22.15 2.04
N LEU B 136 0.74 22.44 1.31
CA LEU B 136 -0.58 21.98 1.74
C LEU B 136 -0.74 20.46 1.71
N GLU B 137 -0.09 19.81 0.74
CA GLU B 137 -0.14 18.35 0.67
C GLU B 137 0.48 17.77 1.93
N SER B 138 1.64 18.29 2.30
CA SER B 138 2.28 17.91 3.55
C SER B 138 1.34 18.05 4.77
N ILE B 139 0.63 19.17 4.83
CA ILE B 139 -0.30 19.41 5.92
C ILE B 139 -1.48 18.42 5.84
N ILE B 140 -1.93 18.10 4.64
CA ILE B 140 -3.02 17.13 4.49
C ILE B 140 -2.55 15.80 5.08
N LEU B 141 -1.38 15.32 4.63
CA LEU B 141 -0.82 14.06 5.14
C LEU B 141 -0.77 13.98 6.67
N GLN B 142 -0.32 15.05 7.30
CA GLN B 142 -0.16 15.06 8.74
C GLN B 142 -1.49 15.14 9.50
N THR B 143 -2.43 15.85 8.93
CA THR B 143 -3.75 15.91 9.50
C THR B 143 -4.45 14.55 9.44
N LEU B 144 -4.21 13.82 8.35
CA LEU B 144 -4.73 12.46 8.22
C LEU B 144 -3.86 11.40 8.94
N GLY B 145 -2.69 11.81 9.44
CA GLY B 145 -1.76 10.88 10.09
C GLY B 145 -1.41 9.75 9.16
N PHE B 146 -0.97 10.13 7.97
CA PHE B 146 -0.62 9.22 6.89
C PHE B 146 -1.49 8.00 6.61
N GLU B 147 -2.77 8.07 7.02
CA GLU B 147 -3.75 7.04 6.74
C GLU B 147 -4.58 7.38 5.48
N LEU B 148 -4.18 6.75 4.37
CA LEU B 148 -4.59 7.08 3.00
C LEU B 148 -5.27 5.95 2.24
N THR B 149 -5.25 4.75 2.82
CA THR B 149 -6.00 3.68 2.22
C THR B 149 -7.45 3.90 2.58
N ILE B 150 -8.23 4.25 1.57
CA ILE B 150 -9.66 4.50 1.71
C ILE B 150 -10.44 3.24 1.31
N ASP B 151 -11.50 2.97 2.06
CA ASP B 151 -12.41 1.87 1.73
C ASP B 151 -13.39 2.34 0.63
N HIS B 152 -13.12 1.89 -0.59
CA HIS B 152 -13.68 2.50 -1.81
C HIS B 152 -15.19 2.22 -1.90
N PRO B 153 -16.05 3.28 -1.81
CA PRO B 153 -17.47 2.95 -1.61
C PRO B 153 -18.17 2.31 -2.82
N HIS B 154 -17.60 2.41 -4.03
CA HIS B 154 -18.21 1.82 -5.22
C HIS B 154 -18.22 0.29 -5.20
N THR B 155 -17.12 -0.34 -4.76
CA THR B 155 -17.04 -1.82 -4.74
C THR B 155 -18.16 -2.40 -3.91
N HIS B 156 -18.44 -1.77 -2.77
CA HIS B 156 -19.49 -2.23 -1.87
C HIS B 156 -20.87 -2.12 -2.53
N VAL B 157 -21.07 -1.07 -3.32
CA VAL B 157 -22.32 -0.90 -4.05
C VAL B 157 -22.39 -1.91 -5.18
N VAL B 158 -21.34 -2.04 -5.99
CA VAL B 158 -21.38 -3.05 -7.07
C VAL B 158 -21.61 -4.46 -6.49
N LYS B 159 -20.88 -4.82 -5.42
CA LYS B 159 -21.07 -6.11 -4.70
C LYS B 159 -22.52 -6.35 -4.38
N CYS B 160 -23.14 -5.34 -3.80
CA CYS B 160 -24.46 -5.50 -3.23
C CYS B 160 -25.63 -5.03 -4.16
N THR B 161 -25.35 -4.67 -5.41
CA THR B 161 -26.41 -4.61 -6.44
C THR B 161 -26.61 -5.99 -6.98
N GLN B 162 -25.51 -6.72 -7.20
CA GLN B 162 -25.61 -8.06 -7.77
C GLN B 162 -26.15 -9.08 -6.74
N LEU B 163 -25.90 -8.86 -5.44
CA LEU B 163 -26.56 -9.66 -4.40
C LEU B 163 -28.09 -9.44 -4.33
N VAL B 164 -28.63 -8.40 -4.96
CA VAL B 164 -30.10 -8.25 -5.11
C VAL B 164 -30.53 -8.35 -6.57
N ARG B 165 -29.77 -9.07 -7.39
CA ARG B 165 -30.07 -9.29 -8.84
C ARG B 165 -30.76 -8.11 -9.56
N ALA B 166 -30.11 -6.95 -9.55
CA ALA B 166 -30.71 -5.74 -10.11
C ALA B 166 -30.39 -5.59 -11.59
N SER B 167 -31.24 -4.85 -12.31
CA SER B 167 -30.98 -4.50 -13.73
C SER B 167 -29.81 -3.54 -13.85
N LYS B 168 -29.31 -3.31 -15.07
CA LYS B 168 -28.33 -2.23 -15.28
C LYS B 168 -28.93 -0.93 -14.74
N ASP B 169 -30.20 -0.68 -15.04
CA ASP B 169 -30.90 0.52 -14.57
C ASP B 169 -30.87 0.70 -13.05
N LEU B 170 -31.19 -0.34 -12.29
CA LEU B 170 -31.20 -0.16 -10.84
C LEU B 170 -29.79 -0.09 -10.30
N ALA B 171 -28.89 -0.86 -10.91
CA ALA B 171 -27.45 -0.74 -10.67
C ALA B 171 -26.94 0.69 -10.89
N GLN B 172 -27.12 1.19 -12.11
CA GLN B 172 -26.70 2.56 -12.49
C GLN B 172 -27.28 3.58 -11.51
N THR B 173 -28.57 3.49 -11.26
CA THR B 173 -29.24 4.43 -10.34
C THR B 173 -28.60 4.39 -8.95
N SER B 174 -28.26 3.20 -8.47
CA SER B 174 -27.59 3.06 -7.17
C SER B 174 -26.21 3.69 -7.13
N TYR B 175 -25.43 3.43 -8.18
CA TYR B 175 -24.08 3.98 -8.27
C TYR B 175 -24.13 5.50 -8.23
N PHE B 176 -25.10 6.06 -8.96
CA PHE B 176 -25.39 7.50 -8.97
C PHE B 176 -25.63 8.02 -7.56
N MET B 177 -26.53 7.35 -6.83
CA MET B 177 -26.90 7.79 -5.49
C MET B 177 -25.69 7.80 -4.59
N ALA B 178 -24.86 6.77 -4.77
CA ALA B 178 -23.63 6.59 -3.99
C ALA B 178 -22.65 7.71 -4.26
N THR B 179 -22.41 8.01 -5.54
CA THR B 179 -21.49 9.08 -5.90
C THR B 179 -21.94 10.40 -5.31
N ASN B 180 -23.22 10.71 -5.44
CA ASN B 180 -23.75 11.98 -4.95
C ASN B 180 -23.80 12.07 -3.44
N SER B 181 -23.96 10.92 -2.78
CA SER B 181 -23.93 10.86 -1.32
C SER B 181 -22.57 11.29 -0.80
N LEU B 182 -21.52 10.98 -1.56
CA LEU B 182 -20.16 11.47 -1.28
C LEU B 182 -20.02 12.98 -1.34
N HIS B 183 -20.54 13.60 -2.40
CA HIS B 183 -20.44 15.05 -2.59
C HIS B 183 -21.36 15.78 -1.61
N LEU B 184 -22.59 15.27 -1.50
CA LEU B 184 -23.66 16.03 -0.89
C LEU B 184 -23.89 15.76 0.60
N THR B 185 -23.45 14.62 1.13
CA THR B 185 -23.66 14.29 2.56
C THR B 185 -22.33 14.18 3.31
N THR B 186 -22.43 14.06 4.63
CA THR B 186 -21.29 13.62 5.47
C THR B 186 -21.55 12.20 5.99
N PHE B 187 -22.13 11.34 5.15
CA PHE B 187 -22.37 9.94 5.55
C PHE B 187 -21.06 9.18 5.63
N SER B 188 -20.14 9.45 4.70
CA SER B 188 -18.83 8.80 4.68
C SER B 188 -18.07 8.96 6.00
N LEU B 189 -18.31 10.09 6.66
CA LEU B 189 -17.81 10.38 8.01
C LEU B 189 -18.68 9.86 9.18
N GLN B 190 -19.74 9.11 8.92
CA GLN B 190 -20.58 8.55 9.99
C GLN B 190 -20.93 7.10 9.85
N TYR B 191 -21.05 6.61 8.61
CA TYR B 191 -21.52 5.26 8.33
C TYR B 191 -20.53 4.53 7.44
N THR B 192 -20.41 3.22 7.72
CA THR B 192 -19.40 2.38 7.10
C THR B 192 -19.77 2.25 5.60
N PRO B 193 -18.78 2.06 4.72
CA PRO B 193 -19.10 1.91 3.29
C PRO B 193 -20.22 0.93 2.94
N PRO B 194 -20.33 -0.22 3.67
CA PRO B 194 -21.49 -1.09 3.46
C PRO B 194 -22.84 -0.50 3.84
N VAL B 195 -22.92 0.20 4.98
CA VAL B 195 -24.20 0.78 5.42
C VAL B 195 -24.69 1.78 4.38
N VAL B 196 -23.80 2.70 4.00
CA VAL B 196 -24.05 3.66 2.94
C VAL B 196 -24.51 2.98 1.66
N ALA B 197 -23.78 1.97 1.19
CA ALA B 197 -24.20 1.21 0.01
C ALA B 197 -25.67 0.77 0.14
N CYS B 198 -26.03 0.17 1.27
CA CYS B 198 -27.42 -0.24 1.51
C CYS B 198 -28.36 0.96 1.37
N VAL B 199 -27.93 2.13 1.84
CA VAL B 199 -28.74 3.34 1.75
C VAL B 199 -29.01 3.71 0.29
N CYS B 200 -27.96 3.78 -0.50
CA CYS B 200 -28.09 4.11 -1.92
C CYS B 200 -28.96 3.10 -2.71
N ILE B 201 -28.73 1.81 -2.50
CA ILE B 201 -29.54 0.76 -3.11
C ILE B 201 -31.02 0.94 -2.70
N HIS B 202 -31.24 1.19 -1.41
CA HIS B 202 -32.59 1.35 -0.90
C HIS B 202 -33.25 2.51 -1.65
N LEU B 203 -32.63 3.68 -1.63
CA LEU B 203 -33.20 4.85 -2.29
C LEU B 203 -33.43 4.57 -3.78
N ALA B 204 -32.46 3.91 -4.42
CA ALA B 204 -32.55 3.67 -5.85
C ALA B 204 -33.80 2.87 -6.17
N CYS B 205 -34.12 1.91 -5.30
CA CYS B 205 -35.37 1.18 -5.37
C CYS B 205 -36.59 2.09 -5.22
N LYS B 206 -36.61 2.97 -4.21
CA LYS B 206 -37.77 3.89 -4.03
C LYS B 206 -37.97 4.72 -5.28
N TRP B 207 -36.91 5.40 -5.70
CA TRP B 207 -36.89 6.13 -6.96
C TRP B 207 -37.32 5.34 -8.22
N SER B 208 -36.91 4.08 -8.33
CA SER B 208 -37.25 3.24 -9.50
C SER B 208 -38.56 2.47 -9.37
N ASN B 209 -39.26 2.61 -8.24
CA ASN B 209 -40.46 1.81 -7.90
C ASN B 209 -40.21 0.30 -7.92
N TRP B 210 -39.01 -0.12 -7.56
CA TRP B 210 -38.63 -1.54 -7.53
C TRP B 210 -38.66 -1.96 -6.07
N GLU B 211 -38.98 -3.23 -5.81
CA GLU B 211 -38.99 -3.77 -4.45
C GLU B 211 -38.17 -5.04 -4.47
N ILE B 212 -37.27 -5.15 -3.52
CA ILE B 212 -36.48 -6.35 -3.40
C ILE B 212 -37.37 -7.31 -2.62
N PRO B 213 -37.60 -8.53 -3.16
CA PRO B 213 -38.43 -9.51 -2.43
C PRO B 213 -37.85 -9.85 -1.06
N VAL B 214 -38.71 -9.93 -0.05
CA VAL B 214 -38.34 -10.40 1.29
C VAL B 214 -37.84 -11.86 1.14
N SER B 215 -36.72 -12.19 1.77
CA SER B 215 -36.05 -13.49 1.57
C SER B 215 -36.90 -14.67 2.05
N THR B 216 -36.62 -15.87 1.55
CA THR B 216 -37.34 -17.12 1.96
C THR B 216 -37.18 -17.48 3.44
N ASP B 217 -36.12 -16.97 4.09
CA ASP B 217 -35.93 -17.08 5.54
C ASP B 217 -36.86 -16.18 6.40
N GLY B 218 -37.61 -15.28 5.77
CA GLY B 218 -38.44 -14.29 6.46
C GLY B 218 -37.73 -12.96 6.69
N LYS B 219 -36.45 -12.87 6.29
CA LYS B 219 -35.60 -11.70 6.53
C LYS B 219 -35.45 -10.83 5.26
N HIS B 220 -35.08 -9.56 5.45
CA HIS B 220 -35.03 -8.55 4.38
C HIS B 220 -33.62 -8.60 3.75
N TRP B 221 -33.50 -8.21 2.47
CA TRP B 221 -32.21 -8.31 1.71
C TRP B 221 -30.95 -7.71 2.38
N TRP B 222 -31.14 -6.66 3.15
CA TRP B 222 -30.01 -5.85 3.64
C TRP B 222 -29.26 -6.45 4.81
N GLU B 223 -29.89 -7.38 5.53
CA GLU B 223 -29.23 -8.18 6.57
C GLU B 223 -28.04 -9.04 6.09
N TYR B 224 -27.98 -9.33 4.79
CA TYR B 224 -26.89 -10.17 4.20
C TYR B 224 -25.61 -9.36 3.90
N VAL B 225 -25.66 -8.03 4.09
CA VAL B 225 -24.52 -7.12 3.88
C VAL B 225 -23.90 -6.70 5.20
N ASP B 226 -24.74 -6.18 6.08
CA ASP B 226 -24.32 -5.67 7.37
C ASP B 226 -25.45 -5.86 8.37
N ALA B 227 -25.12 -6.45 9.51
CA ALA B 227 -26.13 -6.82 10.51
C ALA B 227 -26.73 -5.63 11.28
N THR B 228 -26.11 -4.45 11.25
CA THR B 228 -26.64 -3.26 11.96
C THR B 228 -27.72 -2.47 11.22
N VAL B 229 -28.02 -2.87 9.99
CA VAL B 229 -28.87 -2.08 9.09
C VAL B 229 -30.36 -2.36 9.37
N THR B 230 -31.09 -1.35 9.84
CA THR B 230 -32.49 -1.48 10.22
C THR B 230 -33.35 -0.64 9.26
N LEU B 231 -34.55 -1.10 8.92
CA LEU B 231 -35.49 -0.32 8.07
C LEU B 231 -35.73 1.10 8.58
N GLU B 232 -35.68 1.32 9.90
CA GLU B 232 -35.92 2.65 10.50
C GLU B 232 -34.78 3.61 10.18
N LEU B 233 -33.56 3.06 10.15
CA LEU B 233 -32.33 3.78 9.78
C LEU B 233 -32.28 4.11 8.29
N LEU B 234 -32.35 3.07 7.45
CA LEU B 234 -32.42 3.25 6.00
C LEU B 234 -33.45 4.29 5.55
N ASP B 235 -34.63 4.28 6.15
CA ASP B 235 -35.64 5.29 5.84
C ASP B 235 -35.20 6.71 6.27
N GLU B 236 -34.59 6.82 7.45
CA GLU B 236 -34.08 8.11 7.94
C GLU B 236 -32.95 8.64 7.03
N LEU B 237 -32.09 7.75 6.55
CA LEU B 237 -30.95 8.17 5.70
C LEU B 237 -31.37 8.43 4.25
N THR B 238 -32.11 7.52 3.62
CA THR B 238 -32.59 7.75 2.25
C THR B 238 -33.49 8.99 2.14
N HIS B 239 -34.26 9.29 3.18
CA HIS B 239 -34.98 10.56 3.23
C HIS B 239 -33.98 11.69 3.13
N GLU B 240 -33.04 11.71 4.08
CA GLU B 240 -32.00 12.74 4.18
C GLU B 240 -31.23 12.95 2.88
N LEU B 241 -30.80 11.86 2.26
CA LEU B 241 -30.12 11.90 0.97
C LEU B 241 -31.01 12.52 -0.10
N LEU B 242 -32.24 12.04 -0.17
CA LEU B 242 -33.17 12.53 -1.17
C LEU B 242 -33.48 14.03 -1.03
N GLN B 243 -33.54 14.53 0.20
CA GLN B 243 -33.81 15.95 0.42
C GLN B 243 -32.74 16.84 -0.21
N ILE B 244 -31.47 16.43 -0.10
CA ILE B 244 -30.35 17.26 -0.60
C ILE B 244 -30.25 17.05 -2.10
N LEU B 245 -30.66 15.89 -2.57
CA LEU B 245 -30.78 15.66 -4.00
C LEU B 245 -31.86 16.55 -4.65
N GLU B 246 -32.95 16.80 -3.93
CA GLU B 246 -34.02 17.70 -4.39
C GLU B 246 -33.55 19.15 -4.38
N LYS B 247 -32.77 19.50 -3.36
CA LYS B 247 -32.12 20.81 -3.28
C LYS B 247 -31.12 21.04 -4.42
N THR B 248 -30.40 20.00 -4.84
CA THR B 248 -29.38 20.14 -5.89
C THR B 248 -29.97 20.22 -7.31
N PRO B 249 -29.86 21.40 -7.97
CA PRO B 249 -30.32 21.65 -9.35
C PRO B 249 -29.86 20.62 -10.38
N ASN B 250 -30.78 20.13 -11.21
CA ASN B 250 -30.52 19.12 -12.27
C ASN B 250 -29.95 17.77 -11.90
N ARG B 251 -29.53 17.57 -10.67
CA ARG B 251 -29.15 16.23 -10.24
C ARG B 251 -30.20 15.20 -10.59
N LEU B 252 -31.40 15.35 -10.00
CA LEU B 252 -32.39 14.31 -10.13
C LEU B 252 -32.82 14.14 -11.57
N LYS B 253 -32.70 15.22 -12.36
CA LYS B 253 -33.03 15.14 -13.78
C LYS B 253 -32.27 14.02 -14.49
N ARG B 254 -31.00 13.82 -14.12
CA ARG B 254 -30.12 12.81 -14.75
C ARG B 254 -30.64 11.35 -14.66
N ILE B 255 -31.29 11.02 -13.55
CA ILE B 255 -31.90 9.70 -13.34
C ILE B 255 -33.44 9.65 -13.41
N TRP B 256 -34.08 10.79 -13.66
CA TRP B 256 -35.54 10.86 -13.76
C TRP B 256 -36.08 10.14 -14.97
N ASN B 257 -37.19 9.44 -14.77
CA ASN B 257 -37.83 8.71 -15.85
C ASN B 257 -38.73 9.62 -16.68
N TRP B 258 -38.21 10.02 -17.84
CA TRP B 258 -38.88 10.96 -18.77
C TRP B 258 -39.94 10.34 -19.69
N ARG B 259 -40.04 9.00 -19.73
CA ARG B 259 -40.56 8.30 -20.91
C ARG B 259 -42.07 8.30 -20.97
#